data_8Q9W
#
_entry.id   8Q9W
#
_cell.length_a   40.463
_cell.length_b   84.086
_cell.length_c   85.344
_cell.angle_alpha   90.00
_cell.angle_beta   99.67
_cell.angle_gamma   90.00
#
_symmetry.space_group_name_H-M   'P 1 21 1'
#
loop_
_entity.id
_entity.type
_entity.pdbx_description
1 polymer 'mRNA cap guanine-N7 methyltransferase'
2 non-polymer SINEFUNGIN
3 non-polymer 'SULFATE ION'
4 non-polymer 'PHOSPHOAMINOPHOSPHONIC ACID-GUANYLATE ESTER'
5 water water
#
_entity_poly.entity_id   1
_entity_poly.type   'polypeptide(L)'
_entity_poly.pdbx_seq_one_letter_code
;SQSRIFYLRNFNNWMKSVLIGEFLEKVRQKKKRDITVLDLGCGKGGDLLKWKKGRINKLVCTDIADVSVKQCQQRYEDMK
NRRDSEYIFSAEFITADSSKELLIDKFRDPQMCFDICSCQFVCHYSFESYEQADMMLRNACERLSPGGYFIGTTPNSFEL
IRRLEASETESFGNEIYTVKFQKKGDYPLFGCKYDFNLEGVVDVPEFLVYFPLLNEMAKKYNMKLVYKKTFLEFYEEKIK
NNENKMLLKRMGLGCLSKSEWEATSIYLVFAFEKQQ
;
_entity_poly.pdbx_strand_id   A,B
#
# COMPACT_ATOMS: atom_id res chain seq x y z
N PHE A 6 -1.25 -38.89 0.69
CA PHE A 6 0.09 -38.76 0.16
C PHE A 6 0.09 -37.93 -1.12
N TYR A 7 -0.69 -38.36 -2.10
CA TYR A 7 -0.70 -37.68 -3.40
C TYR A 7 -1.33 -36.30 -3.31
N LEU A 8 -2.33 -36.13 -2.44
CA LEU A 8 -2.94 -34.82 -2.26
C LEU A 8 -1.99 -33.87 -1.54
N ARG A 9 -1.35 -34.37 -0.48
CA ARG A 9 -0.31 -33.58 0.19
C ARG A 9 0.80 -33.20 -0.79
N ASN A 10 1.26 -34.17 -1.58
CA ASN A 10 2.33 -33.91 -2.53
C ASN A 10 1.90 -32.89 -3.59
N PHE A 11 0.66 -32.99 -4.06
CA PHE A 11 0.17 -32.05 -5.07
C PHE A 11 0.05 -30.65 -4.49
N ASN A 12 -0.41 -30.53 -3.23
CA ASN A 12 -0.48 -29.21 -2.61
C ASN A 12 0.90 -28.60 -2.43
N ASN A 13 1.90 -29.44 -2.15
CA ASN A 13 3.27 -28.95 -2.07
C ASN A 13 3.74 -28.43 -3.42
N TRP A 14 3.38 -29.11 -4.51
CA TRP A 14 3.73 -28.61 -5.83
C TRP A 14 3.06 -27.27 -6.10
N MET A 15 1.77 -27.16 -5.76
CA MET A 15 1.06 -25.89 -5.91
C MET A 15 1.74 -24.79 -5.12
N LYS A 16 2.13 -25.09 -3.87
CA LYS A 16 2.81 -24.07 -3.06
C LYS A 16 4.19 -23.74 -3.62
N SER A 17 4.91 -24.74 -4.13
CA SER A 17 6.22 -24.48 -4.70
C SER A 17 6.11 -23.55 -5.90
N VAL A 18 5.21 -23.85 -6.84
CA VAL A 18 5.08 -23.03 -8.03
C VAL A 18 4.59 -21.63 -7.68
N LEU A 19 3.69 -21.54 -6.69
CA LEU A 19 3.15 -20.26 -6.28
C LEU A 19 4.19 -19.41 -5.56
N ILE A 20 4.89 -19.99 -4.59
CA ILE A 20 5.97 -19.28 -3.92
C ILE A 20 7.06 -18.91 -4.91
N GLY A 21 7.39 -19.84 -5.81
CA GLY A 21 8.41 -19.57 -6.81
C GLY A 21 8.07 -18.39 -7.71
N GLU A 22 6.82 -18.30 -8.17
CA GLU A 22 6.44 -17.19 -9.04
C GLU A 22 6.63 -15.85 -8.34
N PHE A 23 6.28 -15.77 -7.07
CA PHE A 23 6.27 -14.49 -6.39
C PHE A 23 7.58 -14.15 -5.71
N LEU A 24 8.40 -15.16 -5.40
CA LEU A 24 9.79 -14.87 -5.05
C LEU A 24 10.51 -14.21 -6.21
N GLU A 25 10.27 -14.69 -7.44
CA GLU A 25 10.90 -14.08 -8.60
C GLU A 25 10.35 -12.70 -8.89
N LYS A 26 9.04 -12.49 -8.68
CA LYS A 26 8.49 -11.15 -8.78
C LYS A 26 9.16 -10.20 -7.79
N VAL A 27 9.39 -10.67 -6.56
CA VAL A 27 10.04 -9.84 -5.56
C VAL A 27 11.49 -9.59 -5.93
N ARG A 28 12.16 -10.62 -6.45
CA ARG A 28 13.55 -10.50 -6.85
C ARG A 28 13.74 -9.70 -8.13
N GLN A 29 12.70 -9.46 -8.89
CA GLN A 29 12.82 -8.67 -10.04
C GLN A 29 12.91 -7.21 -9.70
N LYS A 30 13.13 -6.91 -8.42
CA LYS A 30 13.31 -5.58 -7.83
C LYS A 30 14.33 -5.72 -6.73
N LYS A 31 13.96 -6.17 -5.56
CA LYS A 31 14.95 -6.39 -4.52
C LYS A 31 15.30 -7.83 -4.36
N LYS A 32 16.49 -8.19 -4.81
CA LYS A 32 17.07 -9.52 -4.72
C LYS A 32 17.69 -9.74 -3.31
N ARG A 33 17.91 -8.64 -2.63
CA ARG A 33 18.48 -8.61 -1.34
C ARG A 33 17.49 -8.44 -0.21
N ASP A 34 17.79 -9.08 0.90
CA ASP A 34 17.02 -9.03 2.12
C ASP A 34 15.55 -9.25 1.96
N ILE A 35 15.24 -10.40 1.51
CA ILE A 35 13.87 -10.85 1.30
C ILE A 35 13.33 -11.38 2.61
N THR A 36 12.27 -10.76 3.12
CA THR A 36 11.69 -11.06 4.42
C THR A 36 10.28 -11.60 4.21
N VAL A 37 9.99 -12.74 4.85
CA VAL A 37 8.75 -13.47 4.59
C VAL A 37 8.05 -13.73 5.92
N LEU A 38 6.73 -13.58 5.91
CA LEU A 38 5.86 -13.95 7.02
C LEU A 38 5.06 -15.17 6.60
N ASP A 39 5.21 -16.27 7.34
CA ASP A 39 4.46 -17.51 7.08
C ASP A 39 3.34 -17.57 8.11
N LEU A 40 2.19 -17.03 7.76
CA LEU A 40 1.04 -16.99 8.67
C LEU A 40 0.38 -18.36 8.70
N GLY A 41 0.28 -18.95 9.89
CA GLY A 41 -0.23 -20.30 10.02
C GLY A 41 0.73 -21.33 9.47
N CYS A 42 1.98 -21.30 9.95
CA CYS A 42 3.06 -22.09 9.37
C CYS A 42 2.87 -23.60 9.56
N GLY A 43 2.11 -24.02 10.56
CA GLY A 43 1.94 -25.45 10.78
C GLY A 43 3.21 -26.08 11.33
N LYS A 44 3.47 -27.32 10.91
CA LYS A 44 4.65 -28.07 11.34
C LYS A 44 5.93 -27.63 10.62
N GLY A 45 5.87 -26.62 9.77
CA GLY A 45 7.03 -26.19 9.04
C GLY A 45 7.22 -26.83 7.69
N GLY A 46 6.12 -27.26 7.04
CA GLY A 46 6.20 -27.90 5.75
C GLY A 46 6.54 -27.00 4.59
N ASP A 47 6.82 -25.72 4.83
CA ASP A 47 7.25 -24.83 3.77
C ASP A 47 8.67 -24.32 3.98
N LEU A 48 9.36 -24.74 5.05
CA LEU A 48 10.69 -24.23 5.34
C LEU A 48 11.66 -24.49 4.19
N LEU A 49 11.62 -25.68 3.62
CA LEU A 49 12.54 -26.06 2.55
C LEU A 49 12.23 -25.30 1.26
N LYS A 50 10.98 -24.89 1.07
CA LYS A 50 10.66 -24.05 -0.08
C LYS A 50 11.23 -22.66 0.07
N TRP A 51 11.22 -22.13 1.30
CA TRP A 51 11.84 -20.82 1.52
C TRP A 51 13.36 -20.92 1.46
N LYS A 52 13.93 -22.06 1.86
CA LYS A 52 15.37 -22.25 1.74
C LYS A 52 15.79 -22.27 0.28
N LYS A 53 15.09 -23.07 -0.54
CA LYS A 53 15.40 -23.08 -1.97
C LYS A 53 15.22 -21.70 -2.58
N GLY A 54 14.29 -20.91 -2.04
CA GLY A 54 14.09 -19.54 -2.49
C GLY A 54 15.17 -18.58 -2.04
N ARG A 55 16.05 -19.00 -1.14
CA ARG A 55 17.21 -18.21 -0.72
C ARG A 55 16.78 -16.86 -0.13
N ILE A 56 15.77 -16.91 0.74
CA ILE A 56 15.31 -15.70 1.42
C ILE A 56 16.23 -15.42 2.59
N ASN A 57 16.10 -14.23 3.17
CA ASN A 57 16.96 -13.79 4.26
C ASN A 57 16.34 -13.99 5.64
N LYS A 58 15.07 -13.61 5.80
CA LYS A 58 14.41 -13.72 7.08
C LYS A 58 13.01 -14.31 6.91
N LEU A 59 12.65 -15.20 7.82
CA LEU A 59 11.35 -15.86 7.81
C LEU A 59 10.74 -15.80 9.20
N VAL A 60 9.53 -15.26 9.30
CA VAL A 60 8.76 -15.28 10.54
C VAL A 60 7.67 -16.32 10.38
N CYS A 61 7.75 -17.37 11.19
CA CYS A 61 6.75 -18.42 11.26
C CYS A 61 5.87 -18.24 12.49
N THR A 62 4.56 -18.24 12.29
CA THR A 62 3.64 -18.08 13.40
C THR A 62 2.45 -19.02 13.22
N ASP A 63 1.98 -19.58 14.33
CA ASP A 63 0.86 -20.50 14.31
C ASP A 63 0.14 -20.41 15.65
N ILE A 64 -1.13 -20.85 15.65
CA ILE A 64 -1.91 -20.77 16.88
C ILE A 64 -1.56 -21.91 17.83
N ALA A 65 -1.14 -23.06 17.29
CA ALA A 65 -0.82 -24.22 18.10
C ALA A 65 0.65 -24.15 18.51
N ASP A 66 0.90 -24.00 19.82
CA ASP A 66 2.28 -23.91 20.31
C ASP A 66 3.04 -25.19 20.00
N VAL A 67 2.36 -26.34 20.09
CA VAL A 67 3.01 -27.61 19.73
C VAL A 67 3.58 -27.53 18.33
N SER A 68 2.79 -27.03 17.37
CA SER A 68 3.26 -26.95 15.98
C SER A 68 4.42 -25.98 15.82
N VAL A 69 4.40 -24.86 16.54
CA VAL A 69 5.44 -23.85 16.40
C VAL A 69 6.79 -24.41 16.82
N LYS A 70 6.81 -25.25 17.84
CA LYS A 70 8.07 -25.77 18.36
C LYS A 70 8.60 -26.92 17.49
N GLN A 71 7.70 -27.76 16.94
CA GLN A 71 8.18 -28.69 15.92
C GLN A 71 8.64 -27.96 14.67
N CYS A 72 8.03 -26.81 14.35
CA CYS A 72 8.52 -26.00 13.23
C CYS A 72 9.88 -25.40 13.56
N GLN A 73 10.10 -25.03 14.83
CA GLN A 73 11.39 -24.46 15.23
C GLN A 73 12.48 -25.52 15.26
N GLN A 74 12.15 -26.72 15.73
CA GLN A 74 13.14 -27.79 15.75
C GLN A 74 13.47 -28.25 14.33
N ARG A 75 12.45 -28.32 13.46
CA ARG A 75 12.68 -28.67 12.05
C ARG A 75 13.59 -27.66 11.37
N TYR A 76 13.50 -26.39 11.76
CA TYR A 76 14.40 -25.38 11.21
C TYR A 76 15.81 -25.57 11.74
N GLU A 77 15.95 -25.83 13.03
CA GLU A 77 17.27 -26.11 13.59
C GLU A 77 17.87 -27.39 13.00
N ASP A 78 17.03 -28.40 12.79
CA ASP A 78 17.50 -29.60 12.08
C ASP A 78 18.05 -29.24 10.70
N MET A 79 17.35 -28.35 9.98
CA MET A 79 17.78 -27.99 8.64
C MET A 79 19.09 -27.23 8.66
N LYS A 80 19.24 -26.27 9.58
CA LYS A 80 20.42 -25.42 9.60
C LYS A 80 21.67 -26.14 10.07
N ASN A 81 21.54 -27.33 10.65
CA ASN A 81 22.70 -28.13 11.01
C ASN A 81 23.08 -29.15 9.94
N ARG A 82 22.38 -29.15 8.80
CA ARG A 82 22.89 -29.84 7.62
C ARG A 82 24.18 -29.15 7.14
N ARG A 83 24.91 -29.75 6.24
CA ARG A 83 26.03 -29.01 5.69
C ARG A 83 25.53 -28.14 4.49
N ASP A 84 24.34 -28.48 4.00
CA ASP A 84 23.68 -27.80 2.92
C ASP A 84 23.19 -26.41 3.28
N SER A 85 22.95 -26.19 4.55
CA SER A 85 22.50 -24.91 5.02
C SER A 85 23.57 -23.86 5.26
N GLU A 86 24.41 -23.58 4.30
CA GLU A 86 25.43 -22.56 4.50
C GLU A 86 24.78 -21.20 4.82
N TYR A 87 23.91 -20.65 3.99
CA TYR A 87 23.24 -19.43 4.44
C TYR A 87 21.78 -19.63 4.40
N ILE A 88 21.30 -20.32 5.40
CA ILE A 88 19.93 -20.50 5.53
C ILE A 88 19.41 -19.22 6.14
N PHE A 89 18.18 -18.94 5.85
CA PHE A 89 17.54 -17.74 6.36
C PHE A 89 17.50 -17.76 7.89
N SER A 90 17.56 -16.57 8.48
CA SER A 90 17.24 -16.49 9.90
C SER A 90 15.72 -16.57 10.08
N ALA A 91 15.31 -16.94 11.29
CA ALA A 91 13.91 -17.20 11.54
C ALA A 91 13.55 -16.78 12.95
N GLU A 92 12.30 -16.33 13.13
CA GLU A 92 11.71 -16.32 14.46
C GLU A 92 10.40 -17.09 14.42
N PHE A 93 10.04 -17.64 15.58
CA PHE A 93 8.89 -18.53 15.72
C PHE A 93 7.99 -17.97 16.81
N ILE A 94 6.73 -17.75 16.47
CA ILE A 94 5.81 -17.00 17.31
C ILE A 94 4.53 -17.80 17.47
N THR A 95 4.14 -18.07 18.71
CA THR A 95 2.83 -18.64 18.98
C THR A 95 1.85 -17.48 19.20
N ALA A 96 0.77 -17.48 18.42
CA ALA A 96 -0.20 -16.40 18.48
C ALA A 96 -1.45 -16.78 17.69
N ASP A 97 -2.59 -16.25 18.13
CA ASP A 97 -3.83 -16.30 17.37
C ASP A 97 -3.84 -15.07 16.47
N SER A 98 -3.57 -15.29 15.18
CA SER A 98 -3.47 -14.16 14.26
C SER A 98 -4.83 -13.58 13.90
N SER A 99 -5.93 -14.22 14.29
CA SER A 99 -7.25 -13.66 14.13
C SER A 99 -7.71 -12.89 15.37
N LYS A 100 -6.88 -12.85 16.41
CA LYS A 100 -7.20 -12.14 17.65
C LYS A 100 -6.06 -11.28 18.18
N GLU A 101 -4.80 -11.60 17.90
CA GLU A 101 -3.65 -10.85 18.40
C GLU A 101 -2.93 -10.15 17.25
N LEU A 102 -2.48 -8.93 17.52
CA LEU A 102 -1.64 -8.20 16.59
C LEU A 102 -0.22 -8.74 16.64
N LEU A 103 0.27 -9.27 15.52
CA LEU A 103 1.55 -9.97 15.52
C LEU A 103 2.73 -9.03 15.77
N ILE A 104 2.61 -7.75 15.44
CA ILE A 104 3.73 -6.83 15.63
C ILE A 104 3.98 -6.57 17.11
N ASP A 105 2.98 -6.87 17.96
CA ASP A 105 3.19 -6.94 19.40
C ASP A 105 4.13 -8.07 19.79
N LYS A 106 4.40 -9.02 18.89
CA LYS A 106 5.20 -10.19 19.22
C LYS A 106 6.54 -10.23 18.48
N PHE A 107 6.75 -9.36 17.50
CA PHE A 107 8.03 -9.36 16.79
C PHE A 107 9.14 -8.85 17.69
N ARG A 108 10.34 -9.40 17.50
CA ARG A 108 11.52 -8.82 18.13
C ARG A 108 11.81 -7.43 17.58
N ASP A 109 11.43 -7.19 16.32
CA ASP A 109 11.49 -5.86 15.72
C ASP A 109 10.07 -5.43 15.37
N PRO A 110 9.45 -4.56 16.17
CA PRO A 110 8.08 -4.13 15.85
C PRO A 110 7.95 -3.43 14.49
N GLN A 111 9.03 -2.81 13.99
CA GLN A 111 8.97 -2.03 12.77
C GLN A 111 9.45 -2.80 11.54
N MET A 112 9.53 -4.13 11.62
CA MET A 112 10.01 -4.90 10.49
C MET A 112 8.97 -4.93 9.37
N CYS A 113 9.45 -5.07 8.15
CA CYS A 113 8.60 -5.12 6.96
C CYS A 113 8.84 -6.42 6.21
N PHE A 114 7.82 -6.87 5.50
CA PHE A 114 7.86 -8.13 4.76
C PHE A 114 7.69 -7.87 3.28
N ASP A 115 8.34 -8.72 2.48
CA ASP A 115 8.14 -8.69 1.04
C ASP A 115 7.06 -9.67 0.61
N ILE A 116 6.88 -10.75 1.36
CA ILE A 116 5.82 -11.71 1.10
C ILE A 116 5.19 -12.12 2.43
N CYS A 117 3.87 -12.19 2.45
CA CYS A 117 3.16 -12.94 3.47
C CYS A 117 2.49 -14.12 2.81
N SER A 118 2.84 -15.32 3.29
CA SER A 118 2.29 -16.57 2.77
C SER A 118 1.31 -17.13 3.77
N CYS A 119 0.09 -17.37 3.32
CA CYS A 119 -1.03 -17.81 4.16
C CYS A 119 -1.71 -18.97 3.44
N GLN A 120 -1.16 -20.17 3.59
CA GLN A 120 -1.56 -21.32 2.80
C GLN A 120 -2.49 -22.21 3.63
N PHE A 121 -3.72 -22.38 3.15
CA PHE A 121 -4.72 -23.21 3.82
C PHE A 121 -4.96 -22.72 5.26
N VAL A 122 -5.13 -21.41 5.42
CA VAL A 122 -5.21 -20.83 6.77
C VAL A 122 -6.35 -19.84 6.92
N CYS A 123 -6.48 -18.91 5.97
CA CYS A 123 -7.30 -17.72 6.21
C CYS A 123 -8.77 -18.05 6.43
N HIS A 124 -9.24 -19.22 5.95
CA HIS A 124 -10.64 -19.60 6.16
C HIS A 124 -10.97 -19.98 7.61
N TYR A 125 -9.97 -20.14 8.48
CA TYR A 125 -10.25 -20.30 9.90
C TYR A 125 -10.54 -18.97 10.59
N SER A 126 -10.21 -17.85 9.95
CA SER A 126 -10.40 -16.55 10.55
C SER A 126 -11.74 -15.91 10.19
N PHE A 127 -12.50 -16.51 9.28
CA PHE A 127 -13.80 -15.96 8.91
C PHE A 127 -14.91 -16.40 9.86
N GLU A 128 -14.54 -16.86 11.05
CA GLU A 128 -15.52 -17.07 12.12
C GLU A 128 -16.32 -15.79 12.38
N SER A 129 -15.66 -14.64 12.34
CA SER A 129 -16.31 -13.36 12.57
C SER A 129 -15.61 -12.30 11.73
N TYR A 130 -16.21 -11.10 11.69
CA TYR A 130 -15.61 -10.01 10.94
C TYR A 130 -14.30 -9.54 11.59
N GLU A 131 -14.28 -9.38 12.91
CA GLU A 131 -13.05 -8.91 13.54
C GLU A 131 -11.90 -9.91 13.36
N GLN A 132 -12.22 -11.21 13.35
CA GLN A 132 -11.17 -12.21 13.20
C GLN A 132 -10.61 -12.21 11.79
N ALA A 133 -11.50 -12.10 10.78
CA ALA A 133 -11.04 -12.04 9.41
C ALA A 133 -10.26 -10.75 9.14
N ASP A 134 -10.71 -9.65 9.74
CA ASP A 134 -10.02 -8.38 9.57
C ASP A 134 -8.68 -8.38 10.31
N MET A 135 -8.63 -9.03 11.47
CA MET A 135 -7.37 -9.10 12.21
C MET A 135 -6.33 -9.92 11.46
N MET A 136 -6.74 -11.04 10.86
CA MET A 136 -5.80 -11.87 10.10
C MET A 136 -5.30 -11.12 8.87
N LEU A 137 -6.17 -10.40 8.17
CA LEU A 137 -5.74 -9.58 7.04
C LEU A 137 -4.77 -8.51 7.50
N ARG A 138 -5.00 -7.92 8.67
CA ARG A 138 -4.10 -6.91 9.18
C ARG A 138 -2.74 -7.52 9.52
N ASN A 139 -2.74 -8.66 10.22
CA ASN A 139 -1.47 -9.34 10.51
C ASN A 139 -0.74 -9.76 9.24
N ALA A 140 -1.46 -9.99 8.15
CA ALA A 140 -0.85 -10.45 6.91
C ALA A 140 -0.36 -9.31 6.03
N CYS A 141 -1.09 -8.19 5.99
CA CYS A 141 -0.85 -7.14 5.01
C CYS A 141 -0.29 -5.85 5.58
N GLU A 142 -0.59 -5.52 6.84
CA GLU A 142 -0.26 -4.20 7.35
C GLU A 142 1.24 -3.91 7.28
N ARG A 143 2.07 -4.91 7.57
CA ARG A 143 3.52 -4.72 7.55
C ARG A 143 4.16 -5.10 6.23
N LEU A 144 3.37 -5.40 5.20
CA LEU A 144 3.95 -5.64 3.88
C LEU A 144 4.56 -4.34 3.35
N SER A 145 5.75 -4.46 2.75
CA SER A 145 6.32 -3.33 2.06
C SER A 145 5.50 -3.02 0.80
N PRO A 146 5.46 -1.76 0.38
CA PRO A 146 4.81 -1.45 -0.90
C PRO A 146 5.39 -2.27 -2.03
N GLY A 147 4.50 -2.86 -2.83
CA GLY A 147 4.91 -3.81 -3.84
C GLY A 147 5.09 -5.23 -3.35
N GLY A 148 4.95 -5.48 -2.03
CA GLY A 148 5.00 -6.82 -1.50
C GLY A 148 3.70 -7.58 -1.74
N TYR A 149 3.73 -8.88 -1.48
CA TYR A 149 2.64 -9.75 -1.88
C TYR A 149 2.04 -10.48 -0.69
N PHE A 150 0.72 -10.62 -0.73
CA PHE A 150 -0.04 -11.49 0.16
C PHE A 150 -0.59 -12.62 -0.70
N ILE A 151 -0.05 -13.82 -0.54
CA ILE A 151 -0.42 -14.97 -1.36
C ILE A 151 -0.97 -16.05 -0.44
N GLY A 152 -1.85 -16.89 -1.00
CA GLY A 152 -2.39 -17.95 -0.18
C GLY A 152 -3.39 -18.81 -0.95
N THR A 153 -3.89 -19.81 -0.25
CA THR A 153 -4.81 -20.78 -0.82
C THR A 153 -5.98 -20.96 0.14
N THR A 154 -7.19 -21.00 -0.41
CA THR A 154 -8.39 -21.12 0.42
C THR A 154 -9.46 -21.84 -0.39
N PRO A 155 -10.41 -22.51 0.28
CA PRO A 155 -11.48 -23.17 -0.46
C PRO A 155 -12.30 -22.18 -1.27
N ASN A 156 -12.72 -22.63 -2.45
CA ASN A 156 -13.53 -21.81 -3.35
C ASN A 156 -14.98 -21.92 -2.91
N SER A 157 -15.54 -20.83 -2.38
CA SER A 157 -16.92 -20.87 -1.92
C SER A 157 -17.89 -21.12 -3.06
N PHE A 158 -17.58 -20.60 -4.25
CA PHE A 158 -18.44 -20.84 -5.41
C PHE A 158 -18.58 -22.34 -5.67
N GLU A 159 -17.47 -23.06 -5.71
CA GLU A 159 -17.52 -24.50 -5.98
C GLU A 159 -18.08 -25.26 -4.80
N LEU A 160 -17.87 -24.78 -3.57
CA LEU A 160 -18.46 -25.42 -2.41
C LEU A 160 -19.99 -25.37 -2.46
N ILE A 161 -20.54 -24.18 -2.72
CA ILE A 161 -21.99 -24.03 -2.75
C ILE A 161 -22.57 -24.78 -3.94
N ARG A 162 -21.93 -24.66 -5.10
CA ARG A 162 -22.39 -25.37 -6.30
C ARG A 162 -22.60 -26.85 -6.02
N ARG A 163 -21.67 -27.47 -5.30
CA ARG A 163 -21.79 -28.90 -5.00
C ARG A 163 -22.81 -29.17 -3.90
N LEU A 164 -22.99 -28.23 -2.98
CA LEU A 164 -23.97 -28.43 -1.91
C LEU A 164 -25.39 -28.33 -2.43
N GLU A 165 -25.65 -27.39 -3.34
CA GLU A 165 -26.96 -27.28 -3.95
C GLU A 165 -27.24 -28.50 -4.84
N ALA A 166 -26.23 -28.95 -5.59
CA ALA A 166 -26.40 -30.09 -6.47
C ALA A 166 -26.68 -31.36 -5.67
N SER A 167 -26.22 -31.44 -4.43
CA SER A 167 -26.55 -32.55 -3.57
C SER A 167 -27.96 -32.39 -3.02
N GLU A 168 -28.52 -33.51 -2.56
CA GLU A 168 -29.85 -33.53 -1.95
C GLU A 168 -29.80 -33.71 -0.44
N THR A 169 -28.61 -33.82 0.14
CA THR A 169 -28.39 -33.78 1.57
C THR A 169 -27.54 -32.55 1.89
N GLU A 170 -27.21 -32.38 3.17
CA GLU A 170 -26.30 -31.32 3.58
C GLU A 170 -24.84 -31.70 3.41
N SER A 171 -24.56 -32.80 2.71
CA SER A 171 -23.22 -33.31 2.54
C SER A 171 -22.94 -33.61 1.07
N PHE A 172 -21.66 -33.67 0.75
CA PHE A 172 -21.22 -34.12 -0.57
C PHE A 172 -19.77 -34.54 -0.48
N GLY A 173 -19.33 -35.29 -1.46
CA GLY A 173 -17.94 -35.72 -1.54
C GLY A 173 -17.82 -37.05 -2.27
N ASN A 174 -16.76 -37.78 -1.91
CA ASN A 174 -16.51 -39.10 -2.46
C ASN A 174 -15.83 -39.97 -1.41
N GLU A 175 -14.97 -40.89 -1.84
CA GLU A 175 -14.26 -41.72 -0.87
C GLU A 175 -13.04 -41.03 -0.27
N ILE A 176 -12.58 -39.93 -0.87
CA ILE A 176 -11.45 -39.19 -0.31
C ILE A 176 -11.93 -38.21 0.75
N TYR A 177 -13.01 -37.47 0.46
CA TYR A 177 -13.37 -36.34 1.28
C TYR A 177 -14.89 -36.25 1.42
N THR A 178 -15.31 -35.56 2.48
CA THR A 178 -16.71 -35.21 2.70
C THR A 178 -16.78 -33.79 3.23
N VAL A 179 -17.77 -33.04 2.74
CA VAL A 179 -18.08 -31.71 3.23
C VAL A 179 -19.51 -31.74 3.77
N LYS A 180 -19.69 -31.34 5.03
CA LYS A 180 -21.00 -31.33 5.67
C LYS A 180 -21.30 -29.93 6.18
N PHE A 181 -22.27 -29.28 5.57
CA PHE A 181 -22.77 -27.99 6.03
C PHE A 181 -23.81 -28.18 7.13
N GLN A 182 -23.97 -27.15 7.95
CA GLN A 182 -24.99 -27.22 9.01
C GLN A 182 -26.39 -27.00 8.44
N LYS A 183 -26.57 -25.98 7.60
CA LYS A 183 -27.84 -25.74 6.93
C LYS A 183 -27.60 -25.31 5.49
N LYS A 184 -28.47 -25.77 4.60
CA LYS A 184 -28.43 -25.41 3.18
C LYS A 184 -29.22 -24.13 2.94
N GLY A 185 -28.75 -23.32 2.00
CA GLY A 185 -29.43 -22.08 1.66
C GLY A 185 -29.14 -20.90 2.56
N ASP A 186 -28.34 -21.09 3.61
CA ASP A 186 -28.00 -20.02 4.54
C ASP A 186 -26.48 -19.86 4.54
N TYR A 187 -26.00 -18.77 3.95
CA TYR A 187 -24.56 -18.54 3.75
C TYR A 187 -24.17 -17.16 4.25
N PRO A 188 -24.12 -16.97 5.57
CA PRO A 188 -23.70 -15.67 6.11
C PRO A 188 -22.25 -15.37 5.73
N LEU A 189 -21.94 -14.06 5.64
CA LEU A 189 -20.59 -13.64 5.28
C LEU A 189 -19.56 -14.12 6.28
N PHE A 190 -19.94 -14.25 7.54
CA PHE A 190 -19.05 -14.72 8.59
C PHE A 190 -19.76 -15.80 9.39
N GLY A 191 -18.97 -16.76 9.88
CA GLY A 191 -19.50 -17.84 10.67
C GLY A 191 -20.30 -18.88 9.92
N CYS A 192 -20.23 -18.90 8.59
CA CYS A 192 -20.90 -19.96 7.83
C CYS A 192 -20.04 -21.21 7.96
N LYS A 193 -20.40 -22.04 8.93
CA LYS A 193 -19.58 -23.17 9.34
C LYS A 193 -19.92 -24.42 8.54
N TYR A 194 -18.87 -25.11 8.10
CA TYR A 194 -19.01 -26.44 7.53
C TYR A 194 -17.86 -27.30 8.05
N ASP A 195 -18.05 -28.61 7.99
CA ASP A 195 -17.04 -29.55 8.43
C ASP A 195 -16.41 -30.20 7.19
N PHE A 196 -15.09 -30.14 7.13
CA PHE A 196 -14.33 -30.71 6.02
C PHE A 196 -13.59 -31.94 6.56
N ASN A 197 -13.92 -33.10 6.02
CA ASN A 197 -13.29 -34.35 6.41
C ASN A 197 -12.51 -34.90 5.23
N LEU A 198 -11.22 -35.06 5.39
CA LEU A 198 -10.42 -35.68 4.40
C LEU A 198 -10.16 -37.01 5.00
N GLU A 199 -10.53 -38.09 4.35
CA GLU A 199 -10.42 -39.44 4.88
C GLU A 199 -9.20 -39.83 5.65
N GLY A 200 -8.05 -39.45 5.17
CA GLY A 200 -6.86 -39.73 5.90
C GLY A 200 -6.56 -38.82 7.05
N VAL A 201 -6.48 -37.53 6.81
CA VAL A 201 -6.04 -36.62 7.83
C VAL A 201 -6.93 -36.19 8.99
N VAL A 202 -7.50 -35.01 8.95
CA VAL A 202 -8.30 -34.58 10.06
C VAL A 202 -9.79 -34.35 9.90
N ASP A 203 -10.35 -33.79 10.96
CA ASP A 203 -11.76 -33.39 10.98
C ASP A 203 -11.82 -32.06 11.71
N VAL A 204 -11.77 -30.95 10.96
CA VAL A 204 -11.70 -29.63 11.57
C VAL A 204 -12.77 -28.73 10.95
N PRO A 205 -13.46 -27.92 11.75
CA PRO A 205 -14.50 -27.04 11.20
C PRO A 205 -13.91 -25.81 10.55
N GLU A 206 -14.42 -25.50 9.35
CA GLU A 206 -13.96 -24.37 8.56
C GLU A 206 -15.12 -23.40 8.32
N PHE A 207 -14.79 -22.23 7.81
CA PHE A 207 -15.79 -21.21 7.51
C PHE A 207 -15.72 -20.81 6.04
N LEU A 208 -16.88 -20.47 5.49
CA LEU A 208 -16.95 -20.10 4.09
C LEU A 208 -16.30 -18.75 3.85
N VAL A 209 -15.50 -18.66 2.79
CA VAL A 209 -14.85 -17.42 2.41
C VAL A 209 -15.44 -16.98 1.08
N TYR A 210 -16.38 -16.03 1.12
CA TYR A 210 -16.82 -15.38 -0.09
C TYR A 210 -15.68 -14.49 -0.60
N PHE A 211 -15.03 -14.91 -1.67
CA PHE A 211 -13.81 -14.22 -2.09
C PHE A 211 -14.01 -12.75 -2.45
N PRO A 212 -15.09 -12.34 -3.13
CA PRO A 212 -15.29 -10.89 -3.33
C PRO A 212 -15.25 -10.10 -2.04
N LEU A 213 -15.66 -10.70 -0.92
CA LEU A 213 -15.59 -10.03 0.37
C LEU A 213 -14.14 -9.92 0.85
N LEU A 214 -13.38 -11.02 0.77
CA LEU A 214 -11.96 -10.97 1.08
C LEU A 214 -11.26 -9.93 0.23
N ASN A 215 -11.59 -9.86 -1.06
CA ASN A 215 -10.99 -8.87 -1.95
C ASN A 215 -11.30 -7.46 -1.47
N GLU A 216 -12.53 -7.20 -1.03
CA GLU A 216 -12.90 -5.87 -0.59
C GLU A 216 -12.24 -5.51 0.75
N MET A 217 -12.17 -6.47 1.68
CA MET A 217 -11.55 -6.18 2.97
C MET A 217 -10.06 -5.94 2.85
N ALA A 218 -9.39 -6.59 1.88
CA ALA A 218 -7.96 -6.37 1.70
C ALA A 218 -7.66 -4.93 1.31
N LYS A 219 -8.62 -4.25 0.67
CA LYS A 219 -8.42 -2.85 0.30
C LYS A 219 -8.19 -1.98 1.52
N LYS A 220 -8.70 -2.37 2.68
CA LYS A 220 -8.48 -1.59 3.90
C LYS A 220 -7.00 -1.45 4.20
N TYR A 221 -6.19 -2.44 3.82
CA TYR A 221 -4.74 -2.37 4.01
C TYR A 221 -4.01 -2.07 2.71
N ASN A 222 -4.70 -1.45 1.75
CA ASN A 222 -4.13 -0.97 0.50
C ASN A 222 -3.63 -2.12 -0.37
N MET A 223 -4.38 -3.22 -0.40
CA MET A 223 -4.06 -4.38 -1.21
C MET A 223 -4.89 -4.40 -2.48
N LYS A 224 -4.24 -4.65 -3.61
CA LYS A 224 -4.91 -4.84 -4.88
C LYS A 224 -4.74 -6.29 -5.33
N LEU A 225 -5.81 -6.89 -5.82
CA LEU A 225 -5.78 -8.27 -6.26
C LEU A 225 -4.86 -8.41 -7.48
N VAL A 226 -3.86 -9.28 -7.38
CA VAL A 226 -3.03 -9.62 -8.52
C VAL A 226 -3.81 -10.59 -9.40
N TYR A 227 -4.08 -11.79 -8.88
CA TYR A 227 -4.94 -12.73 -9.59
C TYR A 227 -5.59 -13.67 -8.61
N LYS A 228 -6.60 -14.39 -9.10
CA LYS A 228 -7.32 -15.39 -8.33
C LYS A 228 -7.66 -16.52 -9.28
N LYS A 229 -7.20 -17.74 -8.98
CA LYS A 229 -7.39 -18.88 -9.86
C LYS A 229 -7.88 -20.07 -9.05
N THR A 230 -8.78 -20.85 -9.63
CA THR A 230 -9.05 -22.17 -9.08
C THR A 230 -7.79 -23.03 -9.17
N PHE A 231 -7.77 -24.10 -8.37
CA PHE A 231 -6.63 -25.02 -8.43
C PHE A 231 -6.47 -25.62 -9.81
N LEU A 232 -7.59 -25.81 -10.52
CA LEU A 232 -7.55 -26.36 -11.87
C LEU A 232 -7.02 -25.33 -12.88
N GLU A 233 -7.53 -24.10 -12.81
CA GLU A 233 -7.02 -23.04 -13.68
C GLU A 233 -5.53 -22.81 -13.43
N PHE A 234 -5.11 -22.86 -12.17
CA PHE A 234 -3.71 -22.64 -11.83
C PHE A 234 -2.83 -23.76 -12.36
N TYR A 235 -3.27 -25.01 -12.16
CA TYR A 235 -2.51 -26.15 -12.65
C TYR A 235 -2.37 -26.09 -14.17
N GLU A 236 -3.48 -25.87 -14.89
CA GLU A 236 -3.45 -25.86 -16.34
C GLU A 236 -2.52 -24.79 -16.88
N GLU A 237 -2.46 -23.64 -16.20
CA GLU A 237 -1.59 -22.55 -16.65
C GLU A 237 -0.13 -22.86 -16.35
N LYS A 238 0.16 -23.27 -15.10
CA LYS A 238 1.56 -23.48 -14.71
C LYS A 238 2.15 -24.72 -15.36
N ILE A 239 1.31 -25.70 -15.72
CA ILE A 239 1.83 -26.91 -16.35
C ILE A 239 2.43 -26.63 -17.72
N LYS A 240 2.12 -25.47 -18.31
CA LYS A 240 2.67 -25.11 -19.61
C LYS A 240 4.13 -24.66 -19.51
N ASN A 241 4.56 -24.15 -18.36
CA ASN A 241 5.97 -23.86 -18.14
C ASN A 241 6.70 -25.17 -17.88
N ASN A 242 7.82 -25.37 -18.59
CA ASN A 242 8.44 -26.69 -18.63
C ASN A 242 9.12 -27.08 -17.31
N GLU A 243 9.69 -26.13 -16.57
CA GLU A 243 10.31 -26.49 -15.30
C GLU A 243 9.27 -26.78 -14.24
N ASN A 244 8.09 -26.14 -14.34
CA ASN A 244 6.96 -26.56 -13.52
C ASN A 244 6.53 -27.98 -13.89
N LYS A 245 6.47 -28.27 -15.19
CA LYS A 245 6.02 -29.58 -15.65
C LYS A 245 6.95 -30.68 -15.15
N MET A 246 8.26 -30.42 -15.16
CA MET A 246 9.22 -31.42 -14.73
C MET A 246 9.27 -31.55 -13.21
N LEU A 247 9.01 -30.46 -12.49
CA LEU A 247 8.88 -30.58 -11.05
C LEU A 247 7.69 -31.47 -10.69
N LEU A 248 6.61 -31.39 -11.48
CA LEU A 248 5.47 -32.26 -11.28
C LEU A 248 5.85 -33.73 -11.47
N LYS A 249 6.68 -34.03 -12.47
CA LYS A 249 7.08 -35.40 -12.71
C LYS A 249 8.12 -35.88 -11.70
N ARG A 250 8.95 -35.00 -11.18
CA ARG A 250 9.89 -35.40 -10.11
C ARG A 250 9.11 -35.77 -8.84
N MET A 251 8.03 -35.05 -8.57
CA MET A 251 7.24 -35.28 -7.35
C MET A 251 6.22 -36.42 -7.52
N GLY A 252 6.16 -37.04 -8.69
CA GLY A 252 5.28 -38.20 -8.87
C GLY A 252 3.82 -37.80 -8.89
N LEU A 253 3.48 -36.81 -9.70
CA LEU A 253 2.12 -36.25 -9.70
C LEU A 253 1.52 -36.26 -11.11
N GLY A 254 2.11 -36.97 -12.06
CA GLY A 254 1.52 -37.07 -13.38
C GLY A 254 0.21 -37.84 -13.43
N CYS A 255 -0.17 -38.54 -12.35
CA CYS A 255 -1.38 -39.37 -12.34
C CYS A 255 -2.11 -39.19 -11.00
N LEU A 256 -2.92 -38.14 -10.91
CA LEU A 256 -3.85 -38.00 -9.81
C LEU A 256 -5.17 -38.65 -10.18
N SER A 257 -5.81 -39.30 -9.20
CA SER A 257 -7.07 -39.97 -9.45
C SER A 257 -8.16 -38.93 -9.76
N LYS A 258 -9.26 -39.42 -10.32
CA LYS A 258 -10.44 -38.56 -10.45
C LYS A 258 -10.95 -38.12 -9.10
N SER A 259 -10.94 -39.02 -8.11
CA SER A 259 -11.36 -38.66 -6.78
C SER A 259 -10.46 -37.61 -6.15
N GLU A 260 -9.17 -37.60 -6.48
CA GLU A 260 -8.25 -36.60 -5.93
C GLU A 260 -8.42 -35.25 -6.62
N TRP A 261 -8.72 -35.25 -7.92
CA TRP A 261 -9.00 -34.01 -8.62
C TRP A 261 -10.26 -33.36 -8.09
N GLU A 262 -11.30 -34.15 -7.80
CA GLU A 262 -12.51 -33.62 -7.20
C GLU A 262 -12.23 -32.95 -5.87
N ALA A 263 -11.40 -33.59 -5.04
CA ALA A 263 -11.03 -33.00 -3.76
C ALA A 263 -10.25 -31.70 -3.96
N THR A 264 -9.19 -31.75 -4.76
CA THR A 264 -8.31 -30.58 -4.88
C THR A 264 -8.94 -29.44 -5.68
N SER A 265 -9.97 -29.71 -6.48
CA SER A 265 -10.59 -28.64 -7.27
C SER A 265 -11.54 -27.77 -6.46
N ILE A 266 -11.70 -28.03 -5.16
CA ILE A 266 -12.49 -27.14 -4.31
C ILE A 266 -11.73 -25.89 -3.92
N TYR A 267 -10.41 -25.86 -4.15
CA TYR A 267 -9.56 -24.81 -3.65
C TYR A 267 -9.26 -23.78 -4.74
N LEU A 268 -8.83 -22.60 -4.30
CA LEU A 268 -8.33 -21.55 -5.18
C LEU A 268 -7.05 -20.98 -4.59
N VAL A 269 -6.22 -20.41 -5.47
CA VAL A 269 -5.05 -19.66 -5.06
C VAL A 269 -5.34 -18.18 -5.33
N PHE A 270 -4.73 -17.32 -4.52
CA PHE A 270 -4.96 -15.89 -4.66
C PHE A 270 -3.66 -15.15 -4.39
N ALA A 271 -3.59 -13.94 -4.92
CA ALA A 271 -2.42 -13.09 -4.72
C ALA A 271 -2.87 -11.63 -4.71
N PHE A 272 -2.48 -10.92 -3.66
CA PHE A 272 -2.71 -9.49 -3.55
C PHE A 272 -1.35 -8.79 -3.52
N GLU A 273 -1.33 -7.54 -4.00
CA GLU A 273 -0.14 -6.72 -3.93
C GLU A 273 -0.44 -5.43 -3.20
N LYS A 274 0.49 -5.04 -2.31
CA LYS A 274 0.40 -3.75 -1.63
C LYS A 274 0.75 -2.63 -2.60
N GLN A 275 -0.04 -1.56 -2.57
CA GLN A 275 0.20 -0.41 -3.42
C GLN A 275 1.22 0.54 -2.78
N GLN A 276 1.65 1.53 -3.56
CA GLN A 276 2.61 2.52 -3.10
C GLN A 276 2.08 3.32 -1.91
N SER B 3 -12.73 -0.28 5.49
CA SER B 3 -12.29 1.10 5.53
C SER B 3 -11.74 1.51 4.17
N ARG B 4 -11.80 2.81 3.87
CA ARG B 4 -11.46 3.32 2.55
C ARG B 4 -10.54 4.53 2.65
N ILE B 5 -9.64 4.53 3.62
CA ILE B 5 -8.59 5.54 3.77
C ILE B 5 -7.86 5.68 2.46
N PHE B 6 -7.37 4.55 1.95
CA PHE B 6 -6.40 4.56 0.87
C PHE B 6 -7.02 4.94 -0.47
N TYR B 7 -8.36 4.95 -0.58
CA TYR B 7 -8.97 5.47 -1.79
C TYR B 7 -8.58 6.92 -2.02
N LEU B 8 -8.78 7.77 -1.00
CA LEU B 8 -8.41 9.18 -1.10
C LEU B 8 -6.90 9.35 -1.16
N ARG B 9 -6.17 8.60 -0.32
CA ARG B 9 -4.71 8.62 -0.36
C ARG B 9 -4.21 8.40 -1.78
N ASN B 10 -4.67 7.33 -2.42
CA ASN B 10 -4.14 7.00 -3.74
C ASN B 10 -4.64 7.96 -4.81
N PHE B 11 -5.87 8.47 -4.66
CA PHE B 11 -6.36 9.46 -5.62
C PHE B 11 -5.51 10.73 -5.57
N ASN B 12 -5.20 11.20 -4.35
CA ASN B 12 -4.38 12.39 -4.22
C ASN B 12 -2.93 12.14 -4.64
N ASN B 13 -2.45 10.91 -4.50
CA ASN B 13 -1.16 10.56 -5.08
C ASN B 13 -1.20 10.72 -6.60
N TRP B 14 -2.26 10.23 -7.23
CA TRP B 14 -2.41 10.38 -8.67
C TRP B 14 -2.47 11.86 -9.04
N MET B 15 -3.19 12.66 -8.26
CA MET B 15 -3.25 14.09 -8.51
C MET B 15 -1.85 14.70 -8.47
N LYS B 16 -1.05 14.32 -7.48
CA LYS B 16 0.32 14.82 -7.38
C LYS B 16 1.17 14.34 -8.55
N SER B 17 0.97 13.10 -8.98
CA SER B 17 1.76 12.54 -10.08
C SER B 17 1.48 13.28 -11.38
N VAL B 18 0.21 13.51 -11.70
CA VAL B 18 -0.10 14.20 -12.95
C VAL B 18 0.30 15.67 -12.86
N LEU B 19 0.28 16.25 -11.66
CA LEU B 19 0.68 17.65 -11.50
C LEU B 19 2.19 17.79 -11.60
N ILE B 20 2.94 16.96 -10.87
CA ILE B 20 4.40 16.94 -10.99
C ILE B 20 4.78 16.59 -12.43
N GLY B 21 4.10 15.60 -13.01
CA GLY B 21 4.41 15.19 -14.37
C GLY B 21 4.23 16.31 -15.38
N GLU B 22 3.18 17.12 -15.23
CA GLU B 22 2.96 18.20 -16.18
C GLU B 22 4.13 19.18 -16.18
N PHE B 23 4.65 19.52 -15.00
CA PHE B 23 5.65 20.57 -14.92
C PHE B 23 7.07 20.06 -15.02
N LEU B 24 7.30 18.76 -14.80
CA LEU B 24 8.56 18.17 -15.25
C LEU B 24 8.66 18.22 -16.76
N GLU B 25 7.55 17.97 -17.45
CA GLU B 25 7.54 18.08 -18.91
C GLU B 25 7.81 19.52 -19.34
N LYS B 26 7.18 20.49 -18.67
CA LYS B 26 7.41 21.89 -19.02
C LYS B 26 8.86 22.27 -18.82
N VAL B 27 9.48 21.78 -17.74
CA VAL B 27 10.88 22.11 -17.47
C VAL B 27 11.80 21.45 -18.49
N ARG B 28 11.52 20.19 -18.83
CA ARG B 28 12.36 19.47 -19.79
C ARG B 28 12.33 20.10 -21.17
N GLN B 29 11.20 20.70 -21.56
CA GLN B 29 11.11 21.35 -22.85
C GLN B 29 12.12 22.48 -23.01
N LYS B 30 12.76 22.92 -21.92
CA LYS B 30 13.80 23.94 -21.97
C LYS B 30 15.17 23.32 -21.64
N LYS B 31 15.40 23.00 -20.37
CA LYS B 31 16.67 22.44 -19.92
C LYS B 31 16.45 20.98 -19.52
N LYS B 32 16.82 20.05 -20.41
CA LYS B 32 16.67 18.64 -20.12
C LYS B 32 17.70 18.14 -19.12
N ARG B 33 18.80 18.87 -18.94
CA ARG B 33 19.88 18.47 -18.06
C ARG B 33 19.79 19.20 -16.73
N ASP B 34 20.27 18.53 -15.67
CA ASP B 34 20.47 19.15 -14.35
C ASP B 34 19.16 19.71 -13.78
N ILE B 35 18.09 18.92 -13.85
CA ILE B 35 16.83 19.33 -13.25
C ILE B 35 16.94 19.22 -11.74
N THR B 36 16.78 20.35 -11.05
CA THR B 36 16.94 20.45 -9.61
C THR B 36 15.60 20.77 -8.97
N VAL B 37 15.22 20.02 -7.94
CA VAL B 37 13.91 20.11 -7.34
C VAL B 37 14.03 20.32 -5.84
N LEU B 38 13.22 21.24 -5.31
CA LEU B 38 13.06 21.44 -3.89
C LEU B 38 11.68 20.94 -3.49
N ASP B 39 11.63 19.92 -2.65
CA ASP B 39 10.35 19.42 -2.15
C ASP B 39 10.17 19.95 -0.73
N LEU B 40 9.44 21.06 -0.63
CA LEU B 40 9.21 21.74 0.64
C LEU B 40 8.12 21.00 1.42
N GLY B 41 8.46 20.53 2.62
CA GLY B 41 7.52 19.75 3.39
C GLY B 41 7.37 18.35 2.81
N CYS B 42 8.51 17.70 2.56
CA CYS B 42 8.52 16.38 1.92
C CYS B 42 7.80 15.32 2.74
N GLY B 43 7.66 15.51 4.05
CA GLY B 43 7.08 14.46 4.86
C GLY B 43 8.01 13.27 4.97
N LYS B 44 7.43 12.08 4.94
CA LYS B 44 8.20 10.85 5.03
C LYS B 44 8.63 10.33 3.66
N GLY B 45 8.62 11.19 2.64
CA GLY B 45 9.15 10.82 1.35
C GLY B 45 8.18 10.20 0.38
N GLY B 46 6.89 10.55 0.46
CA GLY B 46 5.90 9.95 -0.41
C GLY B 46 6.01 10.35 -1.87
N ASP B 47 6.80 11.37 -2.19
CA ASP B 47 6.95 11.80 -3.57
C ASP B 47 8.30 11.41 -4.18
N LEU B 48 9.16 10.70 -3.42
CA LEU B 48 10.46 10.28 -3.96
C LEU B 48 10.29 9.47 -5.23
N LEU B 49 9.33 8.53 -5.24
CA LEU B 49 9.10 7.69 -6.41
C LEU B 49 8.65 8.52 -7.61
N LYS B 50 7.93 9.61 -7.37
CA LYS B 50 7.49 10.45 -8.49
C LYS B 50 8.65 11.22 -9.09
N TRP B 51 9.60 11.65 -8.25
CA TRP B 51 10.78 12.34 -8.78
C TRP B 51 11.72 11.37 -9.47
N LYS B 52 11.78 10.12 -9.01
CA LYS B 52 12.59 9.11 -9.70
C LYS B 52 12.03 8.83 -11.09
N LYS B 53 10.75 8.50 -11.18
CA LYS B 53 10.10 8.35 -12.48
C LYS B 53 10.26 9.59 -13.33
N GLY B 54 10.32 10.76 -12.69
CA GLY B 54 10.55 12.00 -13.40
C GLY B 54 11.98 12.20 -13.86
N ARG B 55 12.90 11.31 -13.49
CA ARG B 55 14.28 11.34 -13.98
C ARG B 55 14.96 12.68 -13.74
N ILE B 56 14.75 13.25 -12.54
CA ILE B 56 15.43 14.49 -12.16
C ILE B 56 16.84 14.14 -11.71
N ASN B 57 17.67 15.15 -11.46
CA ASN B 57 19.06 14.92 -11.11
C ASN B 57 19.41 15.32 -9.68
N LYS B 58 18.81 16.37 -9.15
CA LYS B 58 19.09 16.82 -7.79
C LYS B 58 17.79 17.14 -7.07
N LEU B 59 17.62 16.59 -5.87
CA LEU B 59 16.42 16.77 -5.08
C LEU B 59 16.79 17.18 -3.66
N VAL B 60 16.20 18.27 -3.18
CA VAL B 60 16.36 18.71 -1.80
C VAL B 60 15.04 18.47 -1.07
N CYS B 61 15.06 17.57 -0.10
CA CYS B 61 13.91 17.29 0.75
C CYS B 61 14.06 18.04 2.06
N THR B 62 13.01 18.70 2.50
CA THR B 62 13.05 19.37 3.80
C THR B 62 11.69 19.27 4.48
N ASP B 63 11.72 19.12 5.79
CA ASP B 63 10.49 19.03 6.58
C ASP B 63 10.78 19.55 7.98
N ILE B 64 9.72 19.92 8.69
CA ILE B 64 9.87 20.42 10.04
C ILE B 64 10.10 19.29 11.03
N ALA B 65 9.57 18.10 10.75
CA ALA B 65 9.65 16.97 11.66
C ALA B 65 10.95 16.22 11.39
N ASP B 66 11.85 16.24 12.38
CA ASP B 66 13.10 15.48 12.26
C ASP B 66 12.82 14.02 11.92
N VAL B 67 11.92 13.39 12.68
CA VAL B 67 11.61 11.97 12.50
C VAL B 67 11.27 11.66 11.04
N SER B 68 10.51 12.55 10.39
CA SER B 68 10.08 12.31 9.03
C SER B 68 11.21 12.52 8.01
N VAL B 69 12.12 13.46 8.27
CA VAL B 69 13.25 13.66 7.39
C VAL B 69 14.15 12.42 7.35
N LYS B 70 14.32 11.75 8.49
CA LYS B 70 15.15 10.53 8.53
C LYS B 70 14.48 9.34 7.86
N GLN B 71 13.17 9.20 8.06
CA GLN B 71 12.45 8.17 7.32
C GLN B 71 12.55 8.45 5.82
N CYS B 72 12.47 9.72 5.44
CA CYS B 72 12.58 10.09 4.05
C CYS B 72 13.98 9.81 3.52
N GLN B 73 15.00 10.02 4.35
CA GLN B 73 16.37 9.71 3.95
C GLN B 73 16.57 8.20 3.84
N GLN B 74 16.02 7.44 4.79
CA GLN B 74 16.10 5.99 4.73
C GLN B 74 15.38 5.46 3.49
N ARG B 75 14.20 5.99 3.20
CA ARG B 75 13.44 5.57 2.03
C ARG B 75 14.21 5.84 0.74
N TYR B 76 14.94 6.96 0.70
CA TYR B 76 15.73 7.28 -0.49
C TYR B 76 16.91 6.32 -0.63
N GLU B 77 17.61 6.04 0.47
CA GLU B 77 18.74 5.13 0.42
C GLU B 77 18.29 3.72 0.03
N ASP B 78 17.10 3.31 0.48
CA ASP B 78 16.58 2.02 0.08
C ASP B 78 16.30 1.96 -1.42
N MET B 79 15.75 3.05 -1.98
CA MET B 79 15.58 3.14 -3.42
C MET B 79 16.92 3.11 -4.13
N LYS B 80 17.90 3.82 -3.58
CA LYS B 80 19.22 3.94 -4.19
C LYS B 80 19.91 2.59 -4.33
N ASN B 81 19.70 1.68 -3.37
CA ASN B 81 20.43 0.42 -3.34
C ASN B 81 19.70 -0.73 -4.03
N ARG B 82 18.51 -0.48 -4.60
CA ARG B 82 17.82 -1.54 -5.32
C ARG B 82 18.21 -1.59 -6.78
N ARG B 83 18.60 -0.46 -7.35
CA ARG B 83 19.22 -0.40 -8.68
C ARG B 83 18.24 -0.78 -9.78
N ASP B 84 16.93 -0.67 -9.52
CA ASP B 84 15.98 -1.01 -10.59
C ASP B 84 15.98 0.02 -11.72
N SER B 85 16.57 1.18 -11.49
CA SER B 85 17.14 2.01 -12.55
C SER B 85 18.63 2.12 -12.30
N GLU B 86 19.39 2.37 -13.36
CA GLU B 86 20.84 2.39 -13.22
C GLU B 86 21.29 3.61 -12.42
N TYR B 87 20.62 4.75 -12.58
CA TYR B 87 20.99 5.97 -11.89
C TYR B 87 19.77 6.58 -11.23
N ILE B 88 20.00 7.22 -10.10
CA ILE B 88 18.99 7.94 -9.35
C ILE B 88 19.51 9.33 -9.05
N PHE B 89 18.60 10.29 -8.90
CA PHE B 89 18.98 11.64 -8.53
C PHE B 89 19.78 11.63 -7.23
N SER B 90 20.66 12.61 -7.08
CA SER B 90 21.24 12.84 -5.78
C SER B 90 20.25 13.62 -4.91
N ALA B 91 20.38 13.46 -3.60
CA ALA B 91 19.43 14.07 -2.68
C ALA B 91 20.17 14.59 -1.45
N GLU B 92 19.67 15.69 -0.90
CA GLU B 92 20.01 16.09 0.46
C GLU B 92 18.75 16.27 1.29
N PHE B 93 18.91 16.10 2.59
CA PHE B 93 17.81 16.05 3.53
C PHE B 93 18.06 17.04 4.66
N ILE B 94 17.10 17.94 4.87
CA ILE B 94 17.26 19.08 5.75
C ILE B 94 16.06 19.17 6.68
N THR B 95 16.31 19.20 7.98
CA THR B 95 15.28 19.48 8.96
C THR B 95 15.23 20.99 9.20
N ALA B 96 14.05 21.58 9.02
CA ALA B 96 13.92 23.03 9.14
C ALA B 96 12.45 23.42 9.21
N ASP B 97 12.19 24.52 9.91
CA ASP B 97 10.90 25.19 9.87
C ASP B 97 10.95 26.19 8.73
N SER B 98 10.35 25.84 7.60
CA SER B 98 10.44 26.67 6.41
C SER B 98 9.63 27.95 6.54
N SER B 99 8.78 28.07 7.57
CA SER B 99 8.06 29.30 7.85
C SER B 99 8.81 30.18 8.85
N LYS B 100 9.98 29.76 9.31
CA LYS B 100 10.78 30.53 10.26
C LYS B 100 12.26 30.56 9.96
N GLU B 101 12.82 29.61 9.20
CA GLU B 101 14.24 29.57 8.89
C GLU B 101 14.46 29.68 7.39
N LEU B 102 15.54 30.35 7.01
CA LEU B 102 15.97 30.38 5.61
C LEU B 102 16.61 29.04 5.26
N LEU B 103 16.16 28.45 4.14
CA LEU B 103 16.69 27.14 3.76
C LEU B 103 18.09 27.24 3.14
N ILE B 104 18.42 28.37 2.49
CA ILE B 104 19.71 28.52 1.83
C ILE B 104 20.85 28.46 2.83
N ASP B 105 20.59 28.87 4.08
CA ASP B 105 21.59 28.75 5.11
C ASP B 105 21.88 27.30 5.46
N LYS B 106 21.09 26.36 4.96
CA LYS B 106 21.25 24.95 5.27
C LYS B 106 21.66 24.09 4.08
N PHE B 107 21.76 24.66 2.88
CA PHE B 107 22.14 23.87 1.72
C PHE B 107 23.62 23.56 1.74
N ARG B 108 23.98 22.37 1.23
CA ARG B 108 25.38 22.07 1.02
C ARG B 108 26.00 23.05 0.03
N ASP B 109 25.23 23.50 -0.96
CA ASP B 109 25.61 24.56 -1.87
C ASP B 109 24.69 25.75 -1.66
N PRO B 110 25.13 26.80 -0.96
CA PRO B 110 24.25 27.94 -0.70
C PRO B 110 23.79 28.67 -1.95
N GLN B 111 24.50 28.60 -3.06
CA GLN B 111 24.10 29.34 -4.26
C GLN B 111 23.39 28.46 -5.28
N MET B 112 22.87 27.30 -4.88
CA MET B 112 22.19 26.41 -5.80
C MET B 112 20.84 26.99 -6.25
N CYS B 113 20.41 26.58 -7.43
CA CYS B 113 19.16 27.04 -8.02
C CYS B 113 18.25 25.85 -8.30
N PHE B 114 16.95 26.13 -8.35
CA PHE B 114 15.95 25.09 -8.53
C PHE B 114 15.11 25.36 -9.78
N ASP B 115 14.70 24.27 -10.42
CA ASP B 115 13.78 24.36 -11.54
C ASP B 115 12.33 24.16 -11.11
N ILE B 116 12.12 23.43 -10.03
CA ILE B 116 10.79 23.24 -9.46
C ILE B 116 10.91 23.25 -7.94
N CYS B 117 10.02 23.96 -7.29
CA CYS B 117 9.77 23.78 -5.86
C CYS B 117 8.37 23.21 -5.70
N SER B 118 8.28 22.02 -5.14
CA SER B 118 7.00 21.34 -4.95
C SER B 118 6.59 21.43 -3.48
N CYS B 119 5.35 21.86 -3.26
CA CYS B 119 4.85 22.16 -1.91
C CYS B 119 3.43 21.61 -1.80
N GLN B 120 3.33 20.31 -1.50
CA GLN B 120 2.08 19.57 -1.60
C GLN B 120 1.46 19.40 -0.21
N PHE B 121 0.31 20.06 0.01
CA PHE B 121 -0.41 20.02 1.28
C PHE B 121 0.46 20.58 2.42
N VAL B 122 1.09 21.72 2.16
CA VAL B 122 2.07 22.29 3.08
C VAL B 122 1.79 23.76 3.37
N CYS B 123 1.59 24.57 2.32
CA CYS B 123 1.60 26.03 2.44
C CYS B 123 0.65 26.55 3.51
N HIS B 124 -0.46 25.87 3.77
CA HIS B 124 -1.49 26.38 4.67
C HIS B 124 -1.11 26.27 6.13
N TYR B 125 -0.01 25.59 6.48
CA TYR B 125 0.51 25.64 7.84
C TYR B 125 1.31 26.90 8.11
N SER B 126 1.73 27.59 7.05
CA SER B 126 2.53 28.79 7.18
C SER B 126 1.71 30.07 7.27
N PHE B 127 0.41 30.01 7.02
CA PHE B 127 -0.44 31.19 7.06
C PHE B 127 -0.93 31.51 8.46
N GLU B 128 -0.25 30.99 9.49
CA GLU B 128 -0.53 31.41 10.86
C GLU B 128 -0.24 32.88 11.06
N SER B 129 0.81 33.39 10.39
CA SER B 129 1.16 34.81 10.45
C SER B 129 1.68 35.21 9.09
N TYR B 130 1.71 36.53 8.84
CA TYR B 130 2.29 37.04 7.61
C TYR B 130 3.76 36.63 7.48
N GLU B 131 4.52 36.78 8.57
CA GLU B 131 5.94 36.49 8.53
C GLU B 131 6.18 35.02 8.17
N GLN B 132 5.36 34.12 8.70
CA GLN B 132 5.53 32.70 8.40
C GLN B 132 5.16 32.37 6.97
N ALA B 133 4.06 32.97 6.47
CA ALA B 133 3.68 32.74 5.07
C ALA B 133 4.70 33.33 4.12
N ASP B 134 5.26 34.49 4.48
CA ASP B 134 6.26 35.12 3.62
C ASP B 134 7.58 34.35 3.64
N MET B 135 7.93 33.78 4.78
CA MET B 135 9.14 32.96 4.85
C MET B 135 8.99 31.68 4.04
N MET B 136 7.82 31.05 4.11
CA MET B 136 7.55 29.85 3.33
C MET B 136 7.65 30.15 1.83
N LEU B 137 7.06 31.25 1.39
CA LEU B 137 7.15 31.64 -0.02
C LEU B 137 8.58 31.96 -0.41
N ARG B 138 9.33 32.58 0.49
CA ARG B 138 10.72 32.91 0.19
C ARG B 138 11.56 31.65 0.03
N ASN B 139 11.44 30.72 0.98
CA ASN B 139 12.12 29.44 0.87
C ASN B 139 11.71 28.67 -0.38
N ALA B 140 10.51 28.92 -0.90
CA ALA B 140 10.00 28.19 -2.05
C ALA B 140 10.40 28.83 -3.38
N CYS B 141 10.45 30.17 -3.45
CA CYS B 141 10.50 30.87 -4.73
C CYS B 141 11.78 31.65 -4.98
N GLU B 142 12.54 32.02 -3.95
CA GLU B 142 13.62 32.98 -4.15
C GLU B 142 14.78 32.36 -4.94
N ARG B 143 15.04 31.05 -4.75
CA ARG B 143 16.12 30.38 -5.46
C ARG B 143 15.65 29.70 -6.74
N LEU B 144 14.39 29.88 -7.12
CA LEU B 144 13.92 29.37 -8.40
C LEU B 144 14.64 30.09 -9.54
N SER B 145 15.18 29.32 -10.48
CA SER B 145 15.74 29.89 -11.68
C SER B 145 14.62 30.47 -12.55
N PRO B 146 14.91 31.52 -13.34
CA PRO B 146 13.89 32.08 -14.22
C PRO B 146 13.26 31.01 -15.10
N GLY B 147 11.93 31.03 -15.19
CA GLY B 147 11.20 29.98 -15.84
C GLY B 147 10.90 28.78 -14.98
N GLY B 148 11.42 28.74 -13.75
CA GLY B 148 11.12 27.66 -12.83
C GLY B 148 9.74 27.81 -12.20
N TYR B 149 9.26 26.72 -11.63
CA TYR B 149 7.88 26.63 -11.18
C TYR B 149 7.78 26.39 -9.68
N PHE B 150 6.79 27.04 -9.07
CA PHE B 150 6.35 26.77 -7.71
C PHE B 150 4.98 26.14 -7.82
N ILE B 151 4.87 24.86 -7.49
CA ILE B 151 3.64 24.10 -7.65
C ILE B 151 3.23 23.56 -6.29
N GLY B 152 1.93 23.32 -6.13
CA GLY B 152 1.48 22.81 -4.84
C GLY B 152 -0.02 22.58 -4.81
N THR B 153 -0.46 22.06 -3.67
CA THR B 153 -1.85 21.79 -3.39
C THR B 153 -2.18 22.35 -2.01
N THR B 154 -3.35 22.96 -1.89
CA THR B 154 -3.77 23.57 -0.64
C THR B 154 -5.29 23.62 -0.62
N PRO B 155 -5.90 23.66 0.57
CA PRO B 155 -7.36 23.82 0.63
C PRO B 155 -7.82 25.09 -0.06
N ASN B 156 -8.98 25.01 -0.71
CA ASN B 156 -9.59 26.12 -1.42
C ASN B 156 -10.44 26.90 -0.42
N SER B 157 -10.00 28.12 -0.08
CA SER B 157 -10.72 28.92 0.90
C SER B 157 -12.12 29.29 0.42
N PHE B 158 -12.31 29.46 -0.89
CA PHE B 158 -13.63 29.77 -1.42
C PHE B 158 -14.62 28.66 -1.08
N GLU B 159 -14.22 27.40 -1.27
CA GLU B 159 -15.10 26.28 -0.98
C GLU B 159 -15.25 26.07 0.52
N LEU B 160 -14.20 26.35 1.29
CA LEU B 160 -14.28 26.23 2.74
C LEU B 160 -15.32 27.20 3.31
N ILE B 161 -15.25 28.46 2.90
CA ILE B 161 -16.21 29.45 3.40
C ILE B 161 -17.62 29.11 2.94
N ARG B 162 -17.76 28.75 1.67
CA ARG B 162 -19.08 28.42 1.12
C ARG B 162 -19.79 27.36 1.95
N ARG B 163 -19.06 26.35 2.40
CA ARG B 163 -19.66 25.31 3.23
C ARG B 163 -19.83 25.76 4.67
N LEU B 164 -18.96 26.66 5.13
CA LEU B 164 -19.10 27.21 6.48
C LEU B 164 -20.40 28.02 6.62
N GLU B 165 -20.68 28.89 5.66
CA GLU B 165 -21.91 29.68 5.73
C GLU B 165 -23.14 28.81 5.53
N ALA B 166 -23.04 27.83 4.63
CA ALA B 166 -24.15 26.92 4.38
C ALA B 166 -24.52 26.09 5.60
N SER B 167 -23.57 25.85 6.50
CA SER B 167 -23.85 25.11 7.71
C SER B 167 -24.49 26.01 8.76
N GLU B 168 -25.16 25.38 9.72
CA GLU B 168 -25.81 26.09 10.81
C GLU B 168 -25.02 26.01 12.11
N THR B 169 -23.93 25.28 12.13
CA THR B 169 -22.94 25.31 13.20
C THR B 169 -21.62 25.84 12.66
N GLU B 170 -20.61 25.91 13.52
CA GLU B 170 -19.28 26.32 13.11
C GLU B 170 -18.49 25.18 12.46
N SER B 171 -19.16 24.07 12.12
CA SER B 171 -18.51 22.89 11.59
C SER B 171 -19.35 22.28 10.47
N PHE B 172 -18.67 21.53 9.61
CA PHE B 172 -19.33 20.86 8.49
C PHE B 172 -18.48 19.66 8.06
N GLY B 173 -19.09 18.78 7.30
CA GLY B 173 -18.37 17.63 6.79
C GLY B 173 -19.32 16.43 6.65
N ASN B 174 -18.76 15.25 6.91
CA ASN B 174 -19.55 14.03 6.83
C ASN B 174 -18.86 12.96 7.68
N GLU B 175 -18.91 11.71 7.22
CA GLU B 175 -18.26 10.63 7.97
C GLU B 175 -16.76 10.62 7.80
N ILE B 176 -16.23 11.04 6.64
CA ILE B 176 -14.78 10.97 6.45
C ILE B 176 -14.09 12.17 7.08
N TYR B 177 -14.68 13.36 7.01
CA TYR B 177 -13.98 14.57 7.40
C TYR B 177 -14.90 15.53 8.15
N THR B 178 -14.28 16.34 9.00
CA THR B 178 -14.94 17.42 9.71
C THR B 178 -14.03 18.65 9.67
N VAL B 179 -14.64 19.81 9.48
CA VAL B 179 -13.94 21.09 9.55
C VAL B 179 -14.60 21.94 10.62
N LYS B 180 -13.84 22.38 11.61
CA LYS B 180 -14.37 23.18 12.71
C LYS B 180 -13.64 24.53 12.72
N PHE B 181 -14.39 25.59 12.43
CA PHE B 181 -13.85 26.93 12.62
C PHE B 181 -14.11 27.40 14.06
N GLN B 182 -13.27 28.33 14.52
CA GLN B 182 -13.50 28.90 15.84
C GLN B 182 -14.71 29.83 15.84
N LYS B 183 -14.74 30.79 14.92
CA LYS B 183 -15.86 31.71 14.83
C LYS B 183 -16.26 31.89 13.37
N LYS B 184 -17.56 31.92 13.11
CA LYS B 184 -18.11 32.13 11.78
C LYS B 184 -18.18 33.64 11.49
N GLY B 185 -17.86 34.00 10.25
CA GLY B 185 -17.89 35.38 9.83
C GLY B 185 -16.64 36.18 10.11
N ASP B 186 -15.62 35.58 10.71
CA ASP B 186 -14.34 36.23 10.96
C ASP B 186 -13.27 35.47 10.20
N TYR B 187 -12.73 36.10 9.16
CA TYR B 187 -11.76 35.45 8.27
C TYR B 187 -10.55 36.36 8.11
N PRO B 188 -9.69 36.45 9.13
CA PRO B 188 -8.48 37.26 8.98
C PRO B 188 -7.58 36.67 7.92
N LEU B 189 -6.76 37.53 7.30
CA LEU B 189 -5.84 37.08 6.26
C LEU B 189 -4.86 36.05 6.81
N PHE B 190 -4.42 36.24 8.04
CA PHE B 190 -3.51 35.33 8.69
C PHE B 190 -4.11 34.88 10.01
N GLY B 191 -3.75 33.67 10.43
CA GLY B 191 -4.17 33.15 11.72
C GLY B 191 -5.60 32.70 11.80
N CYS B 192 -6.32 32.64 10.69
CA CYS B 192 -7.71 32.17 10.68
C CYS B 192 -7.66 30.65 10.80
N LYS B 193 -7.62 30.18 12.05
CA LYS B 193 -7.43 28.76 12.32
C LYS B 193 -8.74 28.01 12.18
N TYR B 194 -8.65 26.79 11.63
CA TYR B 194 -9.75 25.84 11.68
C TYR B 194 -9.17 24.46 11.93
N ASP B 195 -9.97 23.59 12.54
CA ASP B 195 -9.57 22.22 12.77
C ASP B 195 -10.04 21.34 11.62
N PHE B 196 -9.10 20.63 11.00
CA PHE B 196 -9.41 19.72 9.92
C PHE B 196 -9.16 18.30 10.40
N ASN B 197 -10.18 17.45 10.33
CA ASN B 197 -10.08 16.05 10.70
C ASN B 197 -10.42 15.20 9.49
N LEU B 198 -9.50 14.33 9.10
CA LEU B 198 -9.76 13.30 8.12
C LEU B 198 -9.73 11.98 8.88
N GLU B 199 -10.93 11.46 9.18
CA GLU B 199 -11.09 10.39 10.16
C GLU B 199 -10.14 9.23 9.89
N GLY B 200 -9.23 9.00 10.85
CA GLY B 200 -8.26 7.93 10.75
C GLY B 200 -6.98 8.29 10.03
N VAL B 201 -6.82 9.52 9.56
CA VAL B 201 -5.63 9.95 8.81
C VAL B 201 -4.91 11.08 9.52
N VAL B 202 -5.61 12.17 9.82
CA VAL B 202 -4.97 13.31 10.51
C VAL B 202 -6.05 14.26 11.04
N ASP B 203 -5.81 14.77 12.25
CA ASP B 203 -6.57 15.86 12.90
C ASP B 203 -5.53 16.89 13.36
N VAL B 204 -5.28 17.90 12.53
CA VAL B 204 -4.25 18.90 12.83
C VAL B 204 -4.77 20.28 12.47
N PRO B 205 -4.51 21.32 13.29
CA PRO B 205 -5.05 22.65 13.00
C PRO B 205 -4.42 23.26 11.75
N GLU B 206 -5.27 23.84 10.91
CA GLU B 206 -4.86 24.49 9.67
C GLU B 206 -5.19 25.98 9.71
N PHE B 207 -4.76 26.69 8.68
CA PHE B 207 -5.07 28.09 8.52
C PHE B 207 -5.60 28.34 7.12
N LEU B 208 -6.55 29.26 7.02
CA LEU B 208 -7.17 29.59 5.75
C LEU B 208 -6.18 30.32 4.85
N VAL B 209 -6.13 29.93 3.58
CA VAL B 209 -5.29 30.57 2.59
C VAL B 209 -6.22 31.22 1.57
N TYR B 210 -6.48 32.51 1.72
CA TYR B 210 -7.18 33.28 0.69
C TYR B 210 -6.27 33.35 -0.53
N PHE B 211 -6.66 32.68 -1.62
CA PHE B 211 -5.74 32.53 -2.74
C PHE B 211 -5.33 33.85 -3.38
N PRO B 212 -6.21 34.84 -3.56
CA PRO B 212 -5.73 36.15 -4.04
C PRO B 212 -4.61 36.71 -3.18
N LEU B 213 -4.59 36.38 -1.89
CA LEU B 213 -3.51 36.83 -1.04
C LEU B 213 -2.21 36.08 -1.35
N LEU B 214 -2.28 34.76 -1.46
CA LEU B 214 -1.10 33.98 -1.86
C LEU B 214 -0.56 34.46 -3.19
N ASN B 215 -1.46 34.73 -4.15
CA ASN B 215 -1.04 35.27 -5.44
C ASN B 215 -0.32 36.60 -5.26
N GLU B 216 -0.84 37.48 -4.39
CA GLU B 216 -0.22 38.79 -4.21
C GLU B 216 1.16 38.67 -3.57
N MET B 217 1.28 37.84 -2.53
CA MET B 217 2.56 37.69 -1.86
C MET B 217 3.60 37.03 -2.75
N ALA B 218 3.18 36.15 -3.66
CA ALA B 218 4.13 35.50 -4.56
C ALA B 218 4.81 36.51 -5.49
N LYS B 219 4.13 37.61 -5.79
CA LYS B 219 4.72 38.65 -6.64
C LYS B 219 5.98 39.25 -6.02
N LYS B 220 6.08 39.22 -4.68
CA LYS B 220 7.26 39.74 -4.01
C LYS B 220 8.53 39.03 -4.49
N TYR B 221 8.42 37.75 -4.85
CA TYR B 221 9.55 36.98 -5.34
C TYR B 221 9.44 36.72 -6.84
N ASN B 222 8.76 37.62 -7.56
CA ASN B 222 8.75 37.62 -9.02
C ASN B 222 8.01 36.40 -9.59
N MET B 223 6.94 36.00 -8.92
CA MET B 223 6.14 34.86 -9.36
C MET B 223 4.90 35.32 -10.11
N LYS B 224 4.59 34.64 -11.20
CA LYS B 224 3.40 34.88 -11.99
C LYS B 224 2.57 33.62 -11.99
N LEU B 225 1.27 33.76 -11.78
CA LEU B 225 0.38 32.61 -11.69
C LEU B 225 0.26 31.94 -13.05
N VAL B 226 0.60 30.65 -13.11
CA VAL B 226 0.34 29.85 -14.31
C VAL B 226 -1.13 29.46 -14.31
N TYR B 227 -1.54 28.67 -13.31
CA TYR B 227 -2.95 28.38 -13.17
C TYR B 227 -3.29 27.99 -11.74
N LYS B 228 -4.59 28.01 -11.46
CA LYS B 228 -5.17 27.61 -10.20
C LYS B 228 -6.45 26.86 -10.55
N LYS B 229 -6.59 25.63 -10.05
CA LYS B 229 -7.76 24.82 -10.37
C LYS B 229 -8.20 24.03 -9.15
N THR B 230 -9.52 23.93 -8.95
CA THR B 230 -10.06 23.01 -7.97
C THR B 230 -9.67 21.59 -8.33
N PHE B 231 -9.72 20.70 -7.34
CA PHE B 231 -9.42 19.29 -7.58
C PHE B 231 -10.40 18.69 -8.59
N LEU B 232 -11.63 19.18 -8.61
CA LEU B 232 -12.59 18.71 -9.61
C LEU B 232 -12.23 19.21 -11.01
N GLU B 233 -12.04 20.52 -11.17
CA GLU B 233 -11.59 21.06 -12.46
C GLU B 233 -10.36 20.32 -12.96
N PHE B 234 -9.44 19.98 -12.06
CA PHE B 234 -8.16 19.39 -12.44
C PHE B 234 -8.32 17.92 -12.84
N TYR B 235 -9.11 17.17 -12.08
CA TYR B 235 -9.40 15.79 -12.43
C TYR B 235 -10.11 15.71 -13.77
N GLU B 236 -11.13 16.54 -13.97
CA GLU B 236 -11.91 16.47 -15.21
C GLU B 236 -11.05 16.75 -16.43
N GLU B 237 -10.05 17.62 -16.31
CA GLU B 237 -9.16 17.89 -17.44
C GLU B 237 -8.15 16.76 -17.64
N LYS B 238 -7.48 16.36 -16.55
CA LYS B 238 -6.40 15.40 -16.68
C LYS B 238 -6.88 13.99 -16.97
N ILE B 239 -8.15 13.68 -16.68
CA ILE B 239 -8.67 12.35 -16.97
C ILE B 239 -8.86 12.13 -18.46
N LYS B 240 -8.86 13.21 -19.25
CA LYS B 240 -9.04 13.08 -20.70
C LYS B 240 -7.81 12.50 -21.37
N ASN B 241 -6.62 12.73 -20.83
CA ASN B 241 -5.40 12.16 -21.37
C ASN B 241 -5.30 10.69 -20.96
N ASN B 242 -4.98 9.83 -21.92
CA ASN B 242 -5.12 8.40 -21.70
C ASN B 242 -4.08 7.87 -20.71
N GLU B 243 -2.83 8.36 -20.78
CA GLU B 243 -1.83 7.89 -19.84
C GLU B 243 -2.16 8.31 -18.41
N ASN B 244 -2.81 9.47 -18.25
CA ASN B 244 -3.30 9.83 -16.93
C ASN B 244 -4.42 8.91 -16.48
N LYS B 245 -5.36 8.61 -17.39
CA LYS B 245 -6.49 7.75 -17.04
C LYS B 245 -6.03 6.37 -16.63
N MET B 246 -5.04 5.80 -17.34
CA MET B 246 -4.55 4.47 -17.02
C MET B 246 -3.71 4.49 -15.74
N LEU B 247 -2.98 5.58 -15.52
CA LEU B 247 -2.25 5.73 -14.26
C LEU B 247 -3.20 5.68 -13.08
N LEU B 248 -4.38 6.28 -13.20
CA LEU B 248 -5.37 6.23 -12.13
C LEU B 248 -5.85 4.80 -11.91
N LYS B 249 -6.03 4.04 -13.01
CA LYS B 249 -6.37 2.63 -12.89
C LYS B 249 -5.36 1.87 -12.04
N ARG B 250 -4.08 1.95 -12.41
CA ARG B 250 -3.04 1.19 -11.70
C ARG B 250 -2.93 1.64 -10.25
N MET B 251 -2.96 2.93 -9.96
CA MET B 251 -2.66 3.39 -8.57
C MET B 251 -3.87 3.30 -7.65
N GLY B 252 -5.08 3.52 -8.17
CA GLY B 252 -6.26 3.61 -7.29
C GLY B 252 -6.92 2.30 -6.97
N LEU B 253 -7.66 2.27 -5.86
CA LEU B 253 -8.35 1.02 -5.42
C LEU B 253 -9.78 1.03 -5.91
N GLY B 254 -10.19 2.06 -6.64
CA GLY B 254 -11.53 2.05 -7.20
C GLY B 254 -12.08 3.46 -7.28
N CYS B 255 -13.31 3.54 -7.77
CA CYS B 255 -13.98 4.82 -7.92
C CYS B 255 -14.28 5.43 -6.55
N LEU B 256 -14.38 6.78 -6.53
CA LEU B 256 -14.60 7.52 -5.30
C LEU B 256 -16.09 7.70 -5.03
N SER B 257 -16.45 7.63 -3.74
CA SER B 257 -17.83 7.81 -3.33
C SER B 257 -18.19 9.29 -3.24
N LYS B 258 -19.49 9.55 -3.04
CA LYS B 258 -19.98 10.91 -2.91
C LYS B 258 -19.28 11.65 -1.77
N SER B 259 -19.15 10.99 -0.61
CA SER B 259 -18.54 11.63 0.55
C SER B 259 -17.03 11.77 0.42
N GLU B 260 -16.39 10.96 -0.43
CA GLU B 260 -14.98 11.16 -0.72
C GLU B 260 -14.77 12.32 -1.68
N TRP B 261 -15.73 12.56 -2.58
CA TRP B 261 -15.61 13.71 -3.46
C TRP B 261 -15.85 15.01 -2.71
N GLU B 262 -16.77 15.02 -1.74
CA GLU B 262 -16.97 16.20 -0.91
C GLU B 262 -15.71 16.53 -0.13
N ALA B 263 -15.02 15.50 0.36
CA ALA B 263 -13.77 15.70 1.10
C ALA B 263 -12.69 16.26 0.19
N THR B 264 -12.42 15.58 -0.92
CA THR B 264 -11.33 15.99 -1.80
C THR B 264 -11.67 17.20 -2.67
N SER B 265 -12.94 17.62 -2.70
CA SER B 265 -13.29 18.83 -3.46
C SER B 265 -12.96 20.12 -2.72
N ILE B 266 -12.41 20.04 -1.51
CA ILE B 266 -12.02 21.26 -0.79
C ILE B 266 -10.64 21.75 -1.17
N TYR B 267 -9.86 20.97 -1.93
CA TYR B 267 -8.51 21.36 -2.31
C TYR B 267 -8.48 22.01 -3.68
N LEU B 268 -7.37 22.69 -3.95
CA LEU B 268 -7.04 23.14 -5.30
C LEU B 268 -5.57 22.84 -5.58
N VAL B 269 -5.20 22.87 -6.85
CA VAL B 269 -3.81 22.86 -7.26
C VAL B 269 -3.46 24.24 -7.80
N PHE B 270 -2.22 24.63 -7.60
CA PHE B 270 -1.76 25.92 -8.11
C PHE B 270 -0.37 25.73 -8.70
N ALA B 271 0.00 26.68 -9.55
CA ALA B 271 1.34 26.68 -10.12
C ALA B 271 1.72 28.12 -10.45
N PHE B 272 2.89 28.53 -10.00
CA PHE B 272 3.46 29.83 -10.29
C PHE B 272 4.75 29.64 -11.07
N GLU B 273 5.06 30.60 -11.93
CA GLU B 273 6.28 30.58 -12.72
C GLU B 273 7.13 31.80 -12.38
N LYS B 274 8.44 31.58 -12.28
CA LYS B 274 9.37 32.66 -12.03
C LYS B 274 9.61 33.46 -13.30
N GLN B 275 9.44 34.78 -13.20
CA GLN B 275 9.79 35.67 -14.30
C GLN B 275 11.29 35.96 -14.28
N GLN B 276 11.77 36.57 -15.37
CA GLN B 276 13.20 36.82 -15.55
C GLN B 276 13.69 38.00 -14.71
#